data_6S30
#
_entry.id   6S30
#
_cell.length_a   83.342
_cell.length_b   83.342
_cell.length_c   229.999
_cell.angle_alpha   90.000
_cell.angle_beta   90.000
_cell.angle_gamma   90.000
#
_symmetry.space_group_name_H-M   'P 43 21 2'
#
loop_
_entity.id
_entity.type
_entity.pdbx_description
1 polymer 'Serine--tRNA ligase'
2 non-polymer 1,2-ETHANEDIOL
3 non-polymer 'CALCIUM ION'
4 water water
#
_entity_poly.entity_id   1
_entity_poly.type   'polypeptide(L)'
_entity_poly.pdbx_seq_one_letter_code
;MLDPNLLRTEPDAVAEKLARRGFKLDVDKLRALEERRKVLQVQTENLQAERNSRSKSIGQAKARGEDIEPLRLEVNKLGE
QLDAAKSELETLLAEIRDIALAIPNIPHDDVPVGRDENDNVEVSRWGTPRQFDFEVRDHVTLGEMHGGLDFAAAVKLTGS
RFVVMKGQLARLHRALAQFMLDLHTEQHGYSENYVPYLVNQDTLYGTGQLPKFAGDLFHTRPLEEEADSSNYALIPTAEV
PLTNLVRDEIIDEDDLPIKMTAHTPCFRSEAGSYGRDTRGLIRMHQFDKVEMVQIVRPEDSMAALEEMTGHAEKVLQLLG
LPYRKVALCTGDMGFSACKTYDLEVWVPAQNTYREISSCSNVWDFQARRMQARCRSKSDKKTRLVHTLNGSGLAVGRTLV
ALMENYQQADGRIEIPEVLRPYMRGLEYIG
;
_entity_poly.pdbx_strand_id   A
#
loop_
_chem_comp.id
_chem_comp.type
_chem_comp.name
_chem_comp.formula
CA non-polymer 'CALCIUM ION' 'Ca 2'
EDO non-polymer 1,2-ETHANEDIOL 'C2 H6 O2'
#
# COMPACT_ATOMS: atom_id res chain seq x y z
N MET A 1 5.34 10.98 0.29
CA MET A 1 6.30 11.98 0.69
C MET A 1 5.70 13.07 1.54
N LEU A 2 6.49 13.62 2.46
CA LEU A 2 6.04 14.71 3.33
C LEU A 2 6.08 16.05 2.56
N ASP A 3 5.32 17.03 3.03
CA ASP A 3 5.29 18.38 2.42
C ASP A 3 6.71 18.98 2.43
N PRO A 4 7.31 19.31 1.25
CA PRO A 4 8.69 19.86 1.26
C PRO A 4 8.87 21.15 2.07
N ASN A 5 7.80 21.97 2.15
CA ASN A 5 7.81 23.22 2.89
CA ASN A 5 7.75 23.25 2.88
C ASN A 5 7.71 23.01 4.39
N LEU A 6 7.17 21.87 4.83
CA LEU A 6 7.07 21.48 6.24
C LEU A 6 8.47 20.99 6.69
N LEU A 7 9.26 20.44 5.74
CA LEU A 7 10.63 20.01 5.97
C LEU A 7 11.56 21.23 5.95
N ARG A 8 11.22 22.27 5.15
CA ARG A 8 11.99 23.52 5.04
C ARG A 8 11.74 24.43 6.25
N THR A 9 10.44 24.72 6.56
CA THR A 9 9.99 25.58 7.65
C THR A 9 10.35 25.03 9.05
N GLU A 10 9.86 23.83 9.44
CA GLU A 10 10.17 23.31 10.77
C GLU A 10 10.73 21.86 10.73
N PRO A 11 12.02 21.69 10.34
CA PRO A 11 12.58 20.33 10.27
C PRO A 11 12.79 19.63 11.61
N ASP A 12 13.03 20.39 12.70
CA ASP A 12 13.26 19.82 14.03
C ASP A 12 11.96 19.27 14.62
N ALA A 13 10.81 19.87 14.26
CA ALA A 13 9.50 19.45 14.73
C ALA A 13 9.05 18.14 14.05
N VAL A 14 9.25 18.02 12.70
CA VAL A 14 8.91 16.82 11.95
C VAL A 14 9.85 15.68 12.34
N ALA A 15 11.15 15.99 12.58
CA ALA A 15 12.14 15.00 13.04
C ALA A 15 11.77 14.41 14.40
N GLU A 16 11.17 15.26 15.28
CA GLU A 16 10.68 14.89 16.61
C GLU A 16 9.50 13.90 16.49
N LYS A 17 8.49 14.22 15.64
CA LYS A 17 7.32 13.37 15.39
C LYS A 17 7.74 12.05 14.75
N LEU A 18 8.76 12.08 13.88
CA LEU A 18 9.29 10.90 13.19
C LEU A 18 10.13 10.04 14.11
N ALA A 19 10.79 10.65 15.12
CA ALA A 19 11.60 9.92 16.08
C ALA A 19 10.75 8.92 16.89
N ARG A 20 9.44 9.21 17.04
CA ARG A 20 8.47 8.35 17.72
C ARG A 20 8.24 7.02 16.97
N ARG A 21 8.54 6.97 15.65
CA ARG A 21 8.46 5.78 14.80
C ARG A 21 9.77 5.00 14.91
N GLY A 22 10.78 5.67 15.46
CA GLY A 22 12.13 5.14 15.57
C GLY A 22 12.91 5.52 14.33
N PHE A 23 12.53 6.64 13.70
CA PHE A 23 13.18 7.13 12.48
C PHE A 23 13.94 8.39 12.77
N LYS A 24 15.25 8.39 12.42
CA LYS A 24 16.12 9.55 12.62
C LYS A 24 16.20 10.32 11.30
N LEU A 25 15.59 11.51 11.26
CA LEU A 25 15.61 12.34 10.07
C LEU A 25 16.98 13.04 10.01
N ASP A 26 17.71 12.86 8.89
CA ASP A 26 19.00 13.51 8.75
C ASP A 26 18.80 14.98 8.34
N VAL A 27 18.42 15.83 9.33
CA VAL A 27 18.13 17.26 9.17
C VAL A 27 19.33 18.04 8.62
N ASP A 28 20.54 17.69 9.10
CA ASP A 28 21.80 18.34 8.69
C ASP A 28 22.14 18.10 7.23
N LYS A 29 22.07 16.83 6.76
CA LYS A 29 22.33 16.48 5.37
C LYS A 29 21.30 17.16 4.45
N LEU A 30 20.00 17.10 4.80
CA LEU A 30 18.92 17.73 4.02
C LEU A 30 19.18 19.22 3.82
N ARG A 31 19.60 19.94 4.90
CA ARG A 31 19.95 21.36 4.91
C ARG A 31 21.14 21.67 4.02
N ALA A 32 22.22 20.88 4.14
CA ALA A 32 23.45 21.03 3.38
C ALA A 32 23.15 20.88 1.88
N LEU A 33 22.40 19.82 1.49
CA LEU A 33 21.96 19.60 0.11
C LEU A 33 21.12 20.79 -0.40
N GLU A 34 20.08 21.19 0.37
CA GLU A 34 19.20 22.33 0.07
C GLU A 34 19.97 23.65 -0.14
N GLU A 35 20.99 23.92 0.71
CA GLU A 35 21.79 25.12 0.54
C GLU A 35 22.60 25.10 -0.79
N ARG A 36 23.13 23.92 -1.17
CA ARG A 36 23.86 23.76 -2.45
C ARG A 36 22.88 23.84 -3.63
N ARG A 37 21.66 23.28 -3.49
CA ARG A 37 20.62 23.32 -4.52
C ARG A 37 20.31 24.79 -4.94
N LYS A 38 20.21 25.74 -3.96
CA LYS A 38 19.88 27.16 -4.25
C LYS A 38 20.98 27.84 -5.08
N VAL A 39 22.27 27.51 -4.79
CA VAL A 39 23.45 28.00 -5.50
C VAL A 39 23.42 27.49 -6.96
N LEU A 40 23.20 26.19 -7.15
CA LEU A 40 23.14 25.57 -8.47
C LEU A 40 21.96 26.07 -9.28
N GLN A 41 20.79 26.25 -8.61
CA GLN A 41 19.54 26.78 -9.18
C GLN A 41 19.71 28.20 -9.69
N VAL A 42 20.39 29.08 -8.94
CA VAL A 42 20.61 30.46 -9.39
C VAL A 42 21.54 30.44 -10.62
N GLN A 43 22.61 29.60 -10.61
CA GLN A 43 23.55 29.48 -11.73
C GLN A 43 22.88 28.95 -13.00
N THR A 44 22.10 27.87 -12.87
CA THR A 44 21.39 27.23 -13.97
C THR A 44 20.41 28.17 -14.64
N GLU A 45 19.50 28.79 -13.84
CA GLU A 45 18.48 29.72 -14.28
C GLU A 45 19.06 30.96 -14.93
N ASN A 46 20.25 31.38 -14.50
CA ASN A 46 20.97 32.49 -15.12
C ASN A 46 21.52 32.07 -16.47
N LEU A 47 22.01 30.82 -16.58
CA LEU A 47 22.52 30.24 -17.82
C LEU A 47 21.40 30.05 -18.84
N GLN A 48 20.21 29.62 -18.36
CA GLN A 48 18.99 29.43 -19.16
C GLN A 48 18.54 30.73 -19.77
N ALA A 49 18.64 31.84 -18.99
CA ALA A 49 18.26 33.19 -19.38
C ALA A 49 19.20 33.71 -20.44
N GLU A 50 20.52 33.62 -20.19
CA GLU A 50 21.51 34.09 -21.16
C GLU A 50 21.58 33.21 -22.42
N ARG A 51 21.22 31.92 -22.36
CA ARG A 51 21.20 31.10 -23.56
C ARG A 51 19.97 31.51 -24.38
N ASN A 52 18.81 31.74 -23.71
CA ASN A 52 17.55 32.16 -24.35
C ASN A 52 17.71 33.50 -25.06
N SER A 53 18.43 34.44 -24.44
CA SER A 53 18.69 35.77 -24.98
C SER A 53 19.61 35.75 -26.20
N ARG A 54 20.73 34.97 -26.15
CA ARG A 54 21.71 34.88 -27.25
C ARG A 54 21.11 34.17 -28.47
N SER A 55 20.18 33.24 -28.23
CA SER A 55 19.43 32.51 -29.25
C SER A 55 18.50 33.49 -29.97
N LYS A 56 17.88 34.42 -29.24
CA LYS A 56 16.99 35.44 -29.79
C LYS A 56 17.77 36.47 -30.62
N SER A 57 19.01 36.80 -30.19
CA SER A 57 19.90 37.73 -30.89
C SER A 57 20.31 37.22 -32.27
N ILE A 58 20.38 35.87 -32.46
CA ILE A 58 20.70 35.25 -33.74
C ILE A 58 19.57 35.49 -34.73
N GLY A 59 18.35 35.06 -34.37
CA GLY A 59 17.14 35.25 -35.16
C GLY A 59 16.80 36.68 -35.53
N GLN A 60 17.37 37.67 -34.81
CA GLN A 60 17.18 39.10 -35.06
C GLN A 60 18.13 39.57 -36.16
N ALA A 61 19.40 39.11 -36.11
CA ALA A 61 20.43 39.43 -37.09
C ALA A 61 20.28 38.59 -38.37
N LYS A 62 19.64 37.38 -38.26
CA LYS A 62 19.36 36.44 -39.37
C LYS A 62 18.42 37.11 -40.37
N ALA A 63 17.48 37.93 -39.86
CA ALA A 63 16.55 38.71 -40.66
C ALA A 63 17.31 39.89 -41.29
N ARG A 64 18.22 40.55 -40.53
CA ARG A 64 19.03 41.70 -40.96
C ARG A 64 19.97 41.40 -42.14
N ASP A 67 25.64 38.01 -40.57
CA ASP A 67 26.50 36.87 -40.28
C ASP A 67 26.18 36.24 -38.92
N ILE A 68 25.56 35.05 -38.94
CA ILE A 68 25.18 34.31 -37.74
C ILE A 68 26.23 33.24 -37.40
N GLU A 69 27.54 33.62 -37.33
CA GLU A 69 28.63 32.68 -37.03
C GLU A 69 29.34 32.93 -35.69
N PRO A 70 29.93 34.12 -35.38
CA PRO A 70 30.54 34.29 -34.03
C PRO A 70 29.48 34.15 -32.93
N LEU A 71 28.22 34.52 -33.26
CA LEU A 71 27.03 34.40 -32.40
C LEU A 71 26.61 32.93 -32.23
N ARG A 72 26.68 32.12 -33.32
CA ARG A 72 26.32 30.69 -33.32
C ARG A 72 27.24 29.82 -32.47
N LEU A 73 28.55 30.18 -32.45
CA LEU A 73 29.57 29.49 -31.66
C LEU A 73 29.27 29.71 -30.16
N GLU A 74 29.04 30.98 -29.75
CA GLU A 74 28.72 31.41 -28.38
C GLU A 74 27.50 30.68 -27.78
N VAL A 75 26.43 30.49 -28.59
CA VAL A 75 25.17 29.80 -28.24
C VAL A 75 25.43 28.29 -28.03
N ASN A 76 26.44 27.73 -28.72
CA ASN A 76 26.82 26.32 -28.56
C ASN A 76 27.66 26.14 -27.30
N LYS A 77 28.55 27.12 -26.99
CA LYS A 77 29.39 27.11 -25.79
C LYS A 77 28.53 27.26 -24.55
N LEU A 78 27.49 28.12 -24.61
CA LEU A 78 26.52 28.34 -23.53
C LEU A 78 25.61 27.11 -23.36
N GLY A 79 25.24 26.48 -24.47
CA GLY A 79 24.40 25.28 -24.51
C GLY A 79 25.07 24.08 -23.87
N GLU A 80 26.41 23.97 -24.03
CA GLU A 80 27.29 22.93 -23.46
C GLU A 80 27.31 23.16 -21.95
N GLN A 81 27.65 24.42 -21.55
CA GLN A 81 27.70 24.94 -20.19
C GLN A 81 26.38 24.70 -19.43
N LEU A 82 25.22 25.06 -20.05
CA LEU A 82 23.88 24.88 -19.50
C LEU A 82 23.53 23.39 -19.32
N ASP A 83 23.86 22.53 -20.30
CA ASP A 83 23.58 21.09 -20.19
C ASP A 83 24.36 20.46 -19.04
N ALA A 84 25.64 20.84 -18.88
CA ALA A 84 26.50 20.38 -17.79
C ALA A 84 25.91 20.84 -16.45
N ALA A 85 25.53 22.13 -16.36
CA ALA A 85 24.93 22.77 -15.18
C ALA A 85 23.61 22.07 -14.78
N LYS A 86 22.75 21.78 -15.77
CA LYS A 86 21.48 21.11 -15.55
C LYS A 86 21.67 19.66 -15.02
N SER A 87 22.69 18.94 -15.53
CA SER A 87 22.98 17.55 -15.12
C SER A 87 23.49 17.52 -13.69
N GLU A 88 24.43 18.43 -13.37
CA GLU A 88 25.01 18.62 -12.04
C GLU A 88 23.88 18.89 -11.04
N LEU A 89 22.94 19.81 -11.38
CA LEU A 89 21.78 20.12 -10.54
C LEU A 89 20.87 18.90 -10.39
N GLU A 90 20.61 18.15 -11.49
CA GLU A 90 19.73 16.98 -11.47
C GLU A 90 20.25 15.85 -10.60
N THR A 91 21.57 15.61 -10.61
CA THR A 91 22.26 14.62 -9.77
C THR A 91 22.02 14.98 -8.28
N LEU A 92 22.11 16.29 -7.92
CA LEU A 92 21.84 16.79 -6.57
C LEU A 92 20.36 16.63 -6.25
N LEU A 93 19.45 16.92 -7.21
CA LEU A 93 17.99 16.76 -7.03
C LEU A 93 17.63 15.30 -6.73
N ALA A 94 18.33 14.35 -7.41
CA ALA A 94 18.20 12.90 -7.22
C ALA A 94 18.70 12.48 -5.81
N GLU A 95 19.77 13.12 -5.26
CA GLU A 95 20.26 12.85 -3.90
C GLU A 95 19.25 13.31 -2.84
N ILE A 96 18.56 14.46 -3.08
CA ILE A 96 17.53 14.99 -2.17
C ILE A 96 16.32 14.01 -2.15
N ARG A 97 15.92 13.53 -3.36
CA ARG A 97 14.84 12.56 -3.57
C ARG A 97 15.13 11.23 -2.87
N ASP A 98 16.38 10.75 -2.93
CA ASP A 98 16.76 9.51 -2.25
C ASP A 98 16.44 9.61 -0.76
N ILE A 99 16.66 10.80 -0.17
CA ILE A 99 16.39 11.05 1.25
C ILE A 99 14.89 11.29 1.49
N ALA A 100 14.29 12.29 0.81
CA ALA A 100 12.88 12.69 0.98
C ALA A 100 11.87 11.56 0.79
N LEU A 101 12.09 10.71 -0.21
CA LEU A 101 11.21 9.61 -0.56
C LEU A 101 11.43 8.34 0.30
N ALA A 102 12.44 8.35 1.21
CA ALA A 102 12.66 7.22 2.13
C ALA A 102 12.17 7.61 3.54
N ILE A 103 11.49 8.78 3.65
CA ILE A 103 10.94 9.26 4.92
C ILE A 103 9.52 8.68 5.15
N PRO A 104 9.28 7.92 6.26
CA PRO A 104 7.93 7.40 6.50
C PRO A 104 6.96 8.53 6.87
N ASN A 105 5.65 8.24 6.89
CA ASN A 105 4.66 9.26 7.23
C ASN A 105 4.75 9.72 8.68
N ILE A 106 4.36 10.99 8.93
CA ILE A 106 4.32 11.55 10.27
C ILE A 106 3.13 10.89 10.99
N PRO A 107 3.33 10.23 12.17
CA PRO A 107 2.17 9.66 12.87
C PRO A 107 1.25 10.76 13.38
N HIS A 108 -0.07 10.52 13.30
CA HIS A 108 -1.07 11.43 13.82
C HIS A 108 -1.00 11.34 15.35
N ASP A 109 -1.42 12.41 16.06
CA ASP A 109 -1.38 12.50 17.52
C ASP A 109 -2.29 11.46 18.23
N ASP A 110 -3.23 10.84 17.48
CA ASP A 110 -4.12 9.77 17.98
C ASP A 110 -3.32 8.50 18.26
N VAL A 111 -2.23 8.29 17.50
CA VAL A 111 -1.37 7.11 17.58
C VAL A 111 -0.59 7.04 18.91
N PRO A 112 -0.76 5.93 19.69
CA PRO A 112 0.01 5.82 20.94
C PRO A 112 1.50 5.67 20.65
N VAL A 113 2.35 6.30 21.47
CA VAL A 113 3.80 6.20 21.30
C VAL A 113 4.26 4.80 21.75
N GLY A 114 5.02 4.14 20.88
CA GLY A 114 5.53 2.80 21.14
C GLY A 114 6.76 2.45 20.35
N ARG A 115 7.51 1.45 20.85
CA ARG A 115 8.76 0.95 20.28
C ARG A 115 8.45 -0.09 19.23
N ASP A 116 7.53 -1.04 19.54
CA ASP A 116 7.12 -2.13 18.65
C ASP A 116 5.73 -2.68 18.96
N GLU A 117 5.35 -3.81 18.32
CA GLU A 117 4.06 -4.50 18.46
C GLU A 117 3.64 -4.79 19.91
N ASN A 118 4.61 -4.91 20.83
CA ASN A 118 4.34 -5.18 22.24
C ASN A 118 3.77 -3.97 22.97
N ASP A 119 3.82 -2.78 22.31
CA ASP A 119 3.32 -1.50 22.80
C ASP A 119 1.99 -1.04 22.13
N ASN A 120 1.36 -1.93 21.34
CA ASN A 120 0.08 -1.71 20.67
C ASN A 120 -1.03 -1.80 21.71
N VAL A 121 -2.06 -0.94 21.55
CA VAL A 121 -3.19 -0.83 22.50
C VAL A 121 -4.43 -1.55 21.96
N GLU A 122 -5.04 -2.42 22.76
CA GLU A 122 -6.28 -3.08 22.39
C GLU A 122 -7.43 -2.11 22.64
N VAL A 123 -8.29 -1.94 21.64
CA VAL A 123 -9.41 -0.98 21.68
C VAL A 123 -10.73 -1.70 21.92
N SER A 124 -10.95 -2.80 21.18
CA SER A 124 -12.16 -3.59 21.18
C SER A 124 -11.80 -5.10 21.04
N ARG A 125 -12.80 -5.94 21.34
CA ARG A 125 -12.75 -7.38 21.30
C ARG A 125 -14.20 -7.85 21.01
N TRP A 126 -14.36 -8.80 20.11
CA TRP A 126 -15.68 -9.29 19.75
C TRP A 126 -15.68 -10.81 19.71
N GLY A 127 -16.73 -11.42 20.24
CA GLY A 127 -16.91 -12.87 20.25
C GLY A 127 -16.06 -13.58 21.27
N THR A 128 -16.40 -14.84 21.57
CA THR A 128 -15.64 -15.60 22.55
C THR A 128 -15.01 -16.86 21.92
N PRO A 129 -13.65 -16.96 21.95
CA PRO A 129 -12.96 -18.16 21.44
C PRO A 129 -13.57 -19.48 21.91
N ARG A 130 -13.79 -20.37 20.95
CA ARG A 130 -14.43 -21.66 21.12
C ARG A 130 -13.68 -22.64 22.05
N GLN A 131 -14.43 -23.28 22.97
CA GLN A 131 -13.89 -24.34 23.80
C GLN A 131 -14.14 -25.67 23.06
N PHE A 132 -13.05 -26.40 22.79
CA PHE A 132 -13.12 -27.64 22.05
C PHE A 132 -13.17 -28.85 22.97
N ASP A 133 -13.89 -29.89 22.53
CA ASP A 133 -14.08 -31.17 23.23
C ASP A 133 -13.10 -32.24 22.70
N PHE A 134 -12.10 -31.81 21.95
CA PHE A 134 -11.05 -32.64 21.35
C PHE A 134 -9.81 -31.73 21.15
N GLU A 135 -8.64 -32.33 20.81
CA GLU A 135 -7.39 -31.56 20.53
C GLU A 135 -7.61 -30.89 19.20
N VAL A 136 -7.36 -29.60 19.15
CA VAL A 136 -7.55 -28.80 17.97
C VAL A 136 -6.52 -29.16 16.90
N ARG A 137 -6.98 -29.32 15.65
CA ARG A 137 -6.10 -29.55 14.51
C ARG A 137 -5.87 -28.18 13.84
N ASP A 138 -4.70 -27.96 13.24
CA ASP A 138 -4.43 -26.72 12.51
C ASP A 138 -5.01 -26.82 11.10
N HIS A 139 -5.03 -25.71 10.35
CA HIS A 139 -5.59 -25.73 9.00
C HIS A 139 -4.81 -26.63 8.03
N VAL A 140 -3.50 -26.87 8.32
CA VAL A 140 -2.65 -27.71 7.47
C VAL A 140 -3.08 -29.18 7.63
N THR A 141 -3.27 -29.61 8.88
CA THR A 141 -3.72 -30.96 9.24
C THR A 141 -5.12 -31.18 8.66
N LEU A 142 -6.05 -30.23 8.85
CA LEU A 142 -7.39 -30.32 8.27
C LEU A 142 -7.33 -30.33 6.73
N GLY A 143 -6.40 -29.56 6.15
CA GLY A 143 -6.21 -29.49 4.71
C GLY A 143 -5.89 -30.85 4.11
N GLU A 144 -4.92 -31.54 4.73
CA GLU A 144 -4.48 -32.89 4.42
C GLU A 144 -5.56 -33.93 4.59
N MET A 145 -6.39 -33.83 5.66
CA MET A 145 -7.48 -34.78 5.94
C MET A 145 -8.51 -34.75 4.81
N HIS A 146 -8.82 -33.55 4.32
CA HIS A 146 -9.76 -33.32 3.22
C HIS A 146 -9.12 -33.47 1.85
N GLY A 147 -7.79 -33.48 1.81
CA GLY A 147 -7.00 -33.50 0.57
C GLY A 147 -7.10 -32.17 -0.17
N GLY A 148 -7.59 -31.14 0.51
CA GLY A 148 -7.87 -29.82 -0.05
C GLY A 148 -6.77 -28.79 0.00
N LEU A 149 -5.74 -28.99 0.83
CA LEU A 149 -4.64 -28.04 0.87
C LEU A 149 -3.39 -28.85 0.61
N ASP A 150 -2.77 -28.63 -0.53
CA ASP A 150 -1.59 -29.36 -0.93
C ASP A 150 -0.42 -28.42 -1.18
N PHE A 151 0.48 -28.37 -0.21
CA PHE A 151 1.71 -27.60 -0.20
C PHE A 151 2.81 -28.30 -1.00
N ALA A 152 2.85 -29.67 -0.98
CA ALA A 152 3.86 -30.47 -1.69
C ALA A 152 3.69 -30.28 -3.20
N ALA A 153 2.43 -30.32 -3.69
CA ALA A 153 2.12 -30.07 -5.11
C ALA A 153 2.57 -28.66 -5.54
N ALA A 154 2.43 -27.67 -4.65
CA ALA A 154 2.86 -26.28 -4.95
C ALA A 154 4.36 -26.15 -4.98
N VAL A 155 5.09 -26.93 -4.13
CA VAL A 155 6.58 -26.97 -4.15
C VAL A 155 7.03 -27.53 -5.53
N LYS A 156 6.36 -28.58 -6.00
CA LYS A 156 6.57 -29.24 -7.29
C LYS A 156 6.33 -28.27 -8.45
N LEU A 157 5.13 -27.58 -8.48
CA LEU A 157 4.80 -26.61 -9.54
C LEU A 157 5.70 -25.41 -9.51
N THR A 158 5.98 -24.90 -8.30
CA THR A 158 6.73 -23.66 -8.14
C THR A 158 7.91 -23.80 -7.15
N GLY A 159 7.59 -23.66 -5.87
CA GLY A 159 8.51 -23.71 -4.76
C GLY A 159 7.75 -23.50 -3.46
N SER A 160 8.50 -23.28 -2.38
CA SER A 160 7.97 -23.08 -1.04
C SER A 160 7.24 -21.74 -0.95
N ARG A 161 6.33 -21.66 0.04
CA ARG A 161 5.47 -20.53 0.36
C ARG A 161 4.41 -20.29 -0.76
N PHE A 162 3.94 -21.40 -1.34
CA PHE A 162 2.85 -21.49 -2.33
C PHE A 162 1.90 -22.63 -1.91
N VAL A 163 0.63 -22.59 -2.40
CA VAL A 163 -0.32 -23.66 -2.10
C VAL A 163 -1.14 -24.07 -3.34
N VAL A 164 -1.65 -25.31 -3.32
CA VAL A 164 -2.60 -25.78 -4.29
C VAL A 164 -3.84 -26.15 -3.44
N MET A 165 -4.98 -25.55 -3.75
CA MET A 165 -6.20 -25.88 -3.05
C MET A 165 -6.99 -26.69 -4.03
N LYS A 166 -7.57 -27.76 -3.56
CA LYS A 166 -8.26 -28.73 -4.39
C LYS A 166 -9.64 -29.00 -3.84
N GLY A 167 -10.62 -29.04 -4.74
CA GLY A 167 -12.00 -29.37 -4.38
C GLY A 167 -12.74 -28.36 -3.53
N GLN A 168 -13.52 -28.86 -2.62
CA GLN A 168 -14.41 -28.13 -1.72
C GLN A 168 -13.74 -26.99 -0.93
N LEU A 169 -12.46 -27.16 -0.51
CA LEU A 169 -11.71 -26.14 0.20
C LEU A 169 -11.32 -25.00 -0.75
N ALA A 170 -11.09 -25.34 -2.05
CA ALA A 170 -10.82 -24.36 -3.09
C ALA A 170 -12.09 -23.56 -3.36
N ARG A 171 -13.27 -24.23 -3.35
CA ARG A 171 -14.60 -23.65 -3.56
C ARG A 171 -14.96 -22.71 -2.42
N LEU A 172 -14.65 -23.14 -1.18
CA LEU A 172 -14.89 -22.36 0.03
C LEU A 172 -14.09 -21.04 0.03
N HIS A 173 -12.84 -21.10 -0.47
CA HIS A 173 -11.92 -19.95 -0.58
C HIS A 173 -12.53 -18.95 -1.57
N ARG A 174 -13.08 -19.44 -2.70
CA ARG A 174 -13.77 -18.61 -3.71
C ARG A 174 -15.03 -18.03 -3.08
N ALA A 175 -15.78 -18.84 -2.34
CA ALA A 175 -17.01 -18.43 -1.66
C ALA A 175 -16.78 -17.25 -0.71
N LEU A 176 -15.65 -17.29 0.03
CA LEU A 176 -15.24 -16.23 0.96
C LEU A 176 -15.05 -14.92 0.22
N ALA A 177 -14.26 -14.93 -0.89
CA ALA A 177 -13.97 -13.76 -1.70
C ALA A 177 -15.26 -13.18 -2.29
N GLN A 178 -16.16 -14.04 -2.81
CA GLN A 178 -17.46 -13.62 -3.38
C GLN A 178 -18.28 -12.91 -2.32
N PHE A 179 -18.34 -13.49 -1.12
CA PHE A 179 -19.10 -12.95 0.01
C PHE A 179 -18.62 -11.56 0.41
N MET A 180 -17.26 -11.37 0.47
CA MET A 180 -16.61 -10.11 0.85
C MET A 180 -16.86 -9.03 -0.20
N LEU A 181 -16.72 -9.36 -1.49
CA LEU A 181 -16.97 -8.44 -2.59
C LEU A 181 -18.41 -8.02 -2.63
N ASP A 182 -19.35 -8.98 -2.40
CA ASP A 182 -20.77 -8.69 -2.40
C ASP A 182 -21.16 -7.83 -1.22
N LEU A 183 -20.53 -8.05 -0.06
CA LEU A 183 -20.77 -7.26 1.14
C LEU A 183 -20.40 -5.80 0.93
N HIS A 184 -19.20 -5.54 0.43
CA HIS A 184 -18.70 -4.18 0.22
C HIS A 184 -19.36 -3.41 -0.93
N THR A 185 -19.76 -4.11 -2.01
CA THR A 185 -20.41 -3.46 -3.16
C THR A 185 -21.90 -3.25 -2.93
N GLU A 186 -22.56 -4.18 -2.23
CA GLU A 186 -24.00 -4.12 -2.00
C GLU A 186 -24.40 -3.36 -0.78
N GLN A 187 -23.59 -3.42 0.26
CA GLN A 187 -23.94 -2.81 1.53
C GLN A 187 -23.05 -1.67 1.98
N HIS A 188 -21.78 -1.61 1.54
CA HIS A 188 -20.84 -0.62 2.05
C HIS A 188 -20.46 0.51 1.12
N GLY A 189 -21.08 0.57 -0.05
CA GLY A 189 -20.85 1.67 -0.98
C GLY A 189 -19.55 1.66 -1.77
N TYR A 190 -18.89 0.49 -1.89
CA TYR A 190 -17.66 0.35 -2.69
C TYR A 190 -18.01 -0.05 -4.14
N SER A 191 -17.34 0.54 -5.12
CA SER A 191 -17.48 0.16 -6.51
C SER A 191 -16.41 -0.93 -6.76
N GLU A 192 -16.76 -1.93 -7.54
CA GLU A 192 -15.90 -3.09 -7.84
C GLU A 192 -14.96 -2.78 -8.99
N ASN A 193 -13.74 -3.32 -8.96
CA ASN A 193 -12.76 -3.07 -10.03
C ASN A 193 -11.93 -4.30 -10.36
N TYR A 194 -11.55 -4.44 -11.65
CA TYR A 194 -10.63 -5.45 -12.15
C TYR A 194 -9.40 -4.63 -12.48
N VAL A 195 -8.28 -4.94 -11.83
CA VAL A 195 -7.06 -4.15 -11.97
C VAL A 195 -5.89 -4.96 -12.49
N PRO A 196 -4.87 -4.36 -13.16
CA PRO A 196 -3.67 -5.15 -13.50
C PRO A 196 -2.99 -5.70 -12.24
N TYR A 197 -2.33 -6.88 -12.34
CA TYR A 197 -1.58 -7.52 -11.25
C TYR A 197 -0.09 -7.24 -11.41
N LEU A 198 0.29 -6.62 -12.55
CA LEU A 198 1.63 -6.13 -12.86
C LEU A 198 1.49 -4.60 -12.91
N VAL A 199 2.42 -3.85 -12.26
CA VAL A 199 2.40 -2.39 -12.23
C VAL A 199 3.78 -1.79 -12.55
N ASN A 200 3.81 -0.54 -13.03
CA ASN A 200 5.06 0.15 -13.38
C ASN A 200 5.69 0.82 -12.17
N GLN A 201 6.89 1.41 -12.34
CA GLN A 201 7.66 2.14 -11.31
C GLN A 201 6.95 3.37 -10.76
N ASP A 202 6.21 4.12 -11.61
CA ASP A 202 5.46 5.32 -11.20
C ASP A 202 4.39 4.96 -10.17
N THR A 203 3.64 3.87 -10.45
CA THR A 203 2.64 3.32 -9.54
C THR A 203 3.28 2.98 -8.19
N LEU A 204 4.40 2.22 -8.21
CA LEU A 204 5.13 1.83 -7.00
C LEU A 204 5.65 3.01 -6.20
N TYR A 205 6.14 4.07 -6.89
CA TYR A 205 6.57 5.31 -6.23
C TYR A 205 5.39 5.98 -5.60
N GLY A 206 4.26 6.02 -6.32
CA GLY A 206 3.00 6.62 -5.88
C GLY A 206 2.45 6.16 -4.54
N THR A 207 2.44 4.84 -4.31
CA THR A 207 1.91 4.29 -3.06
C THR A 207 2.99 4.02 -2.01
N GLY A 208 4.26 4.30 -2.33
CA GLY A 208 5.35 4.19 -1.36
C GLY A 208 6.21 2.94 -1.33
N GLN A 209 5.97 1.96 -2.24
CA GLN A 209 6.79 0.75 -2.31
C GLN A 209 8.18 1.10 -2.80
N LEU A 210 8.28 2.08 -3.73
CA LEU A 210 9.56 2.60 -4.19
C LEU A 210 9.75 3.98 -3.58
N PRO A 211 10.98 4.34 -3.14
CA PRO A 211 12.27 3.64 -3.37
C PRO A 211 12.71 2.59 -2.34
N LYS A 212 12.16 2.65 -1.12
CA LYS A 212 12.59 1.88 0.05
C LYS A 212 12.27 0.37 0.10
N PHE A 213 11.25 -0.12 -0.65
CA PHE A 213 10.84 -1.53 -0.48
C PHE A 213 10.83 -2.37 -1.73
N ALA A 214 11.77 -2.13 -2.65
CA ALA A 214 11.91 -2.91 -3.90
C ALA A 214 12.11 -4.38 -3.59
N GLY A 215 12.89 -4.69 -2.55
CA GLY A 215 13.22 -6.05 -2.12
C GLY A 215 12.04 -6.89 -1.66
N ASP A 216 10.88 -6.24 -1.35
CA ASP A 216 9.66 -6.93 -0.90
C ASP A 216 8.86 -7.47 -2.08
N LEU A 217 9.27 -7.13 -3.30
CA LEU A 217 8.53 -7.43 -4.53
C LEU A 217 9.13 -8.47 -5.45
N PHE A 218 8.28 -9.11 -6.25
CA PHE A 218 8.64 -9.98 -7.38
C PHE A 218 8.68 -8.97 -8.57
N HIS A 219 9.80 -8.95 -9.33
CA HIS A 219 10.01 -8.04 -10.45
C HIS A 219 10.07 -8.82 -11.72
N THR A 220 9.49 -8.29 -12.79
CA THR A 220 9.53 -8.97 -14.07
C THR A 220 10.64 -8.43 -14.94
N ARG A 221 11.21 -9.31 -15.76
CA ARG A 221 12.25 -8.92 -16.70
CA ARG A 221 12.25 -8.91 -16.71
C ARG A 221 11.56 -8.17 -17.85
N PRO A 222 12.12 -7.03 -18.35
CA PRO A 222 11.45 -6.33 -19.47
C PRO A 222 11.26 -7.23 -20.69
N LEU A 223 10.17 -6.99 -21.43
CA LEU A 223 9.79 -7.70 -22.66
C LEU A 223 10.64 -7.12 -23.80
N GLU A 224 11.20 -7.98 -24.69
CA GLU A 224 12.06 -7.57 -25.81
C GLU A 224 11.44 -6.47 -26.70
N GLU A 225 10.12 -6.58 -26.97
CA GLU A 225 9.32 -5.65 -27.78
C GLU A 225 8.76 -4.46 -27.00
N GLU A 226 9.15 -4.31 -25.72
CA GLU A 226 8.77 -3.19 -24.83
C GLU A 226 9.93 -2.92 -23.84
N ALA A 227 11.18 -3.16 -24.30
CA ALA A 227 12.45 -3.09 -23.57
C ALA A 227 12.62 -1.89 -22.62
N ASP A 228 12.05 -0.72 -22.95
CA ASP A 228 12.23 0.49 -22.14
C ASP A 228 10.96 0.96 -21.40
N SER A 229 9.88 0.15 -21.43
CA SER A 229 8.59 0.47 -20.81
C SER A 229 7.93 -0.73 -20.06
N SER A 230 8.69 -1.82 -19.79
CA SER A 230 8.11 -3.01 -19.14
C SER A 230 8.91 -3.51 -17.92
N ASN A 231 9.44 -2.57 -17.13
CA ASN A 231 10.11 -2.91 -15.86
C ASN A 231 8.98 -2.94 -14.84
N TYR A 232 8.29 -4.09 -14.76
CA TYR A 232 7.11 -4.23 -13.90
C TYR A 232 7.39 -5.05 -12.67
N ALA A 233 6.57 -4.87 -11.64
CA ALA A 233 6.61 -5.67 -10.45
C ALA A 233 5.19 -6.21 -10.25
N LEU A 234 5.06 -7.39 -9.60
CA LEU A 234 3.77 -7.98 -9.24
C LEU A 234 3.20 -7.22 -8.06
N ILE A 235 1.88 -6.98 -8.05
CA ILE A 235 1.28 -6.19 -6.96
C ILE A 235 1.41 -6.89 -5.60
N PRO A 236 1.86 -6.18 -4.54
CA PRO A 236 1.93 -6.84 -3.22
C PRO A 236 0.60 -6.75 -2.44
N THR A 237 -0.35 -5.87 -2.91
CA THR A 237 -1.68 -5.51 -2.38
C THR A 237 -2.40 -4.80 -3.53
N ALA A 238 -3.74 -4.80 -3.53
CA ALA A 238 -4.53 -4.08 -4.51
C ALA A 238 -4.57 -2.57 -4.15
N GLU A 239 -4.01 -2.18 -2.98
CA GLU A 239 -3.88 -0.78 -2.55
C GLU A 239 -3.06 -0.02 -3.61
N VAL A 240 -2.02 -0.70 -4.12
CA VAL A 240 -1.11 -0.17 -5.14
C VAL A 240 -1.89 0.20 -6.42
N PRO A 241 -2.54 -0.73 -7.18
CA PRO A 241 -3.27 -0.29 -8.36
C PRO A 241 -4.46 0.63 -8.05
N LEU A 242 -5.25 0.33 -7.00
CA LEU A 242 -6.45 1.11 -6.70
C LEU A 242 -6.15 2.55 -6.32
N THR A 243 -5.21 2.79 -5.38
CA THR A 243 -4.89 4.16 -4.98
C THR A 243 -4.38 4.98 -6.17
N ASN A 244 -3.53 4.36 -7.00
CA ASN A 244 -2.94 5.01 -8.17
C ASN A 244 -3.93 5.38 -9.28
N LEU A 245 -5.23 4.99 -9.17
CA LEU A 245 -6.23 5.37 -10.19
C LEU A 245 -6.50 6.86 -10.20
N VAL A 246 -6.26 7.52 -9.06
CA VAL A 246 -6.46 8.95 -8.94
C VAL A 246 -5.15 9.74 -9.18
N ARG A 247 -4.07 9.08 -9.62
CA ARG A 247 -2.80 9.78 -9.92
C ARG A 247 -3.03 10.77 -11.06
N ASP A 248 -2.54 12.00 -10.87
CA ASP A 248 -2.61 13.16 -11.77
C ASP A 248 -4.04 13.57 -12.10
N GLU A 249 -4.92 13.50 -11.10
CA GLU A 249 -6.32 13.89 -11.29
C GLU A 249 -6.69 15.00 -10.34
N ILE A 250 -7.59 15.85 -10.77
CA ILE A 250 -8.23 16.90 -10.00
C ILE A 250 -9.69 16.43 -9.95
N ILE A 251 -10.10 15.94 -8.78
CA ILE A 251 -11.45 15.41 -8.58
C ILE A 251 -12.32 16.51 -8.02
N ASP A 252 -13.54 16.63 -8.53
CA ASP A 252 -14.50 17.58 -8.00
C ASP A 252 -14.88 17.01 -6.62
N GLU A 253 -14.83 17.85 -5.56
CA GLU A 253 -15.14 17.46 -4.17
C GLU A 253 -16.50 16.81 -4.02
N ASP A 254 -17.46 17.16 -4.90
CA ASP A 254 -18.82 16.61 -4.92
C ASP A 254 -18.81 15.12 -5.23
N ASP A 255 -17.78 14.66 -6.00
CA ASP A 255 -17.60 13.26 -6.42
C ASP A 255 -16.89 12.39 -5.38
N LEU A 256 -16.45 12.99 -4.27
CA LEU A 256 -15.79 12.30 -3.17
C LEU A 256 -16.84 11.93 -2.10
N PRO A 257 -16.69 10.78 -1.39
CA PRO A 257 -15.59 9.83 -1.44
C PRO A 257 -15.62 8.89 -2.66
N ILE A 258 -14.44 8.49 -3.13
CA ILE A 258 -14.31 7.46 -4.15
C ILE A 258 -13.97 6.20 -3.35
N LYS A 259 -14.89 5.23 -3.34
CA LYS A 259 -14.79 3.97 -2.58
C LYS A 259 -14.65 2.83 -3.55
N MET A 260 -13.47 2.21 -3.59
CA MET A 260 -13.16 1.13 -4.52
C MET A 260 -12.80 -0.16 -3.81
N THR A 261 -13.21 -1.29 -4.40
CA THR A 261 -12.91 -2.64 -3.91
C THR A 261 -12.42 -3.48 -5.08
N ALA A 262 -11.60 -4.48 -4.80
CA ALA A 262 -11.09 -5.45 -5.76
C ALA A 262 -10.76 -6.77 -5.07
N HIS A 263 -10.78 -7.85 -5.83
CA HIS A 263 -10.36 -9.16 -5.38
C HIS A 263 -9.16 -9.51 -6.26
N THR A 264 -7.98 -9.59 -5.68
CA THR A 264 -6.79 -9.89 -6.48
C THR A 264 -5.86 -10.86 -5.75
N PRO A 265 -4.94 -11.57 -6.48
CA PRO A 265 -3.86 -12.25 -5.78
C PRO A 265 -2.83 -11.15 -5.40
N CYS A 266 -2.06 -11.38 -4.36
CA CYS A 266 -1.04 -10.43 -3.92
C CYS A 266 0.27 -11.19 -3.85
N PHE A 267 1.36 -10.56 -4.28
CA PHE A 267 2.66 -11.22 -4.33
C PHE A 267 3.70 -10.51 -3.47
N ARG A 268 4.31 -11.26 -2.56
CA ARG A 268 5.34 -10.80 -1.64
C ARG A 268 6.53 -11.72 -1.68
N SER A 269 7.76 -11.16 -1.76
CA SER A 269 9.02 -11.90 -1.78
C SER A 269 9.32 -12.52 -0.41
N GLU A 270 8.74 -11.93 0.68
CA GLU A 270 8.85 -12.30 2.10
C GLU A 270 10.31 -12.28 2.59
N ALA A 271 11.10 -11.29 2.08
CA ALA A 271 12.50 -11.09 2.43
C ALA A 271 12.60 -10.63 3.89
N GLY A 272 13.48 -11.29 4.65
CA GLY A 272 13.67 -11.01 6.06
C GLY A 272 12.84 -11.89 6.96
N SER A 273 11.78 -12.54 6.40
CA SER A 273 10.87 -13.43 7.12
C SER A 273 11.46 -14.85 7.27
N TYR A 274 12.81 -14.94 7.34
CA TYR A 274 13.55 -16.20 7.51
C TYR A 274 13.36 -16.75 8.93
N GLY A 275 12.38 -17.64 9.08
CA GLY A 275 12.04 -18.28 10.34
C GLY A 275 10.57 -18.22 10.70
N ARG A 276 10.00 -16.99 10.78
CA ARG A 276 8.60 -16.72 11.15
C ARG A 276 7.56 -17.29 10.15
N ASP A 277 6.67 -18.21 10.67
CA ASP A 277 5.59 -18.91 9.96
C ASP A 277 6.08 -19.74 8.73
N THR A 278 6.79 -20.83 9.04
CA THR A 278 7.36 -21.79 8.07
C THR A 278 6.24 -22.65 7.42
N ARG A 279 5.18 -23.00 8.19
CA ARG A 279 4.06 -23.84 7.74
C ARG A 279 2.71 -23.08 7.64
N GLY A 280 1.90 -23.42 6.64
CA GLY A 280 0.57 -22.87 6.46
C GLY A 280 0.35 -21.79 5.45
N LEU A 281 -0.91 -21.30 5.39
CA LEU A 281 -1.40 -20.24 4.50
C LEU A 281 -1.00 -18.85 4.98
N ILE A 282 -0.24 -18.79 6.08
CA ILE A 282 0.28 -17.56 6.68
C ILE A 282 1.71 -17.31 6.10
N ARG A 283 1.97 -16.05 5.69
CA ARG A 283 3.26 -15.61 5.13
C ARG A 283 3.59 -16.36 3.80
N MET A 284 2.70 -16.23 2.80
CA MET A 284 2.85 -16.89 1.50
C MET A 284 3.38 -15.90 0.49
N HIS A 285 3.99 -16.43 -0.58
CA HIS A 285 4.44 -15.60 -1.69
C HIS A 285 3.24 -15.15 -2.50
N GLN A 286 2.20 -15.98 -2.58
CA GLN A 286 0.97 -15.64 -3.28
C GLN A 286 -0.23 -15.85 -2.35
N PHE A 287 -1.11 -14.84 -2.24
CA PHE A 287 -2.32 -14.89 -1.39
C PHE A 287 -3.37 -13.93 -1.93
N ASP A 288 -4.65 -14.31 -1.85
CA ASP A 288 -5.78 -13.50 -2.27
C ASP A 288 -6.25 -12.58 -1.16
N LYS A 289 -6.64 -11.35 -1.54
CA LYS A 289 -7.18 -10.36 -0.61
C LYS A 289 -8.33 -9.63 -1.27
N VAL A 290 -9.34 -9.23 -0.50
CA VAL A 290 -10.43 -8.36 -0.95
C VAL A 290 -10.14 -7.02 -0.27
N GLU A 291 -9.61 -6.12 -1.07
CA GLU A 291 -9.16 -4.80 -0.65
C GLU A 291 -10.27 -3.77 -0.68
N MET A 292 -10.19 -2.78 0.22
CA MET A 292 -11.05 -1.59 0.28
C MET A 292 -10.11 -0.42 0.21
N VAL A 293 -10.39 0.52 -0.67
CA VAL A 293 -9.60 1.74 -0.82
C VAL A 293 -10.57 2.89 -0.85
N GLN A 294 -10.26 3.96 -0.11
CA GLN A 294 -11.05 5.18 -0.08
C GLN A 294 -10.20 6.41 -0.43
N ILE A 295 -10.74 7.27 -1.30
CA ILE A 295 -10.15 8.54 -1.69
C ILE A 295 -11.13 9.58 -1.12
N VAL A 296 -10.69 10.36 -0.11
CA VAL A 296 -11.61 11.30 0.55
C VAL A 296 -11.05 12.73 0.66
N ARG A 297 -11.95 13.68 1.02
CA ARG A 297 -11.62 15.08 1.29
C ARG A 297 -10.76 15.09 2.58
N PRO A 298 -9.70 15.96 2.67
CA PRO A 298 -8.84 16.00 3.88
C PRO A 298 -9.53 16.01 5.26
N GLU A 299 -10.71 16.63 5.40
CA GLU A 299 -11.39 16.67 6.70
C GLU A 299 -12.22 15.43 7.02
N ASP A 300 -12.35 14.47 6.07
CA ASP A 300 -13.18 13.28 6.32
C ASP A 300 -12.43 11.99 6.55
N SER A 301 -11.09 11.99 6.38
CA SER A 301 -10.22 10.82 6.50
C SER A 301 -10.31 10.11 7.83
N MET A 302 -10.39 10.84 8.96
CA MET A 302 -10.49 10.18 10.28
C MET A 302 -11.79 9.41 10.46
N ALA A 303 -12.90 9.97 9.98
CA ALA A 303 -14.24 9.39 9.98
C ALA A 303 -14.28 8.18 9.04
N ALA A 304 -13.63 8.31 7.86
CA ALA A 304 -13.55 7.26 6.86
C ALA A 304 -12.75 6.05 7.40
N LEU A 305 -11.74 6.28 8.26
CA LEU A 305 -10.95 5.20 8.88
C LEU A 305 -11.83 4.33 9.79
N GLU A 306 -12.64 4.97 10.62
CA GLU A 306 -13.57 4.30 11.52
C GLU A 306 -14.58 3.53 10.70
N GLU A 307 -15.04 4.14 9.58
CA GLU A 307 -16.03 3.52 8.71
C GLU A 307 -15.46 2.25 8.05
N MET A 308 -14.28 2.39 7.44
CA MET A 308 -13.59 1.32 6.76
C MET A 308 -13.23 0.16 7.69
N THR A 309 -12.71 0.43 8.91
CA THR A 309 -12.39 -0.58 9.91
C THR A 309 -13.66 -1.35 10.26
N GLY A 310 -14.76 -0.62 10.44
CA GLY A 310 -16.09 -1.19 10.72
C GLY A 310 -16.55 -2.15 9.62
N HIS A 311 -16.19 -1.88 8.36
CA HIS A 311 -16.52 -2.71 7.20
C HIS A 311 -15.80 -4.05 7.24
N ALA A 312 -14.52 -4.06 7.63
CA ALA A 312 -13.69 -5.25 7.78
C ALA A 312 -14.16 -6.05 9.00
N GLU A 313 -14.54 -5.36 10.10
CA GLU A 313 -15.08 -5.96 11.33
C GLU A 313 -16.37 -6.70 10.98
N LYS A 314 -17.25 -6.07 10.19
CA LYS A 314 -18.52 -6.65 9.74
C LYS A 314 -18.37 -8.04 9.07
N VAL A 315 -17.28 -8.25 8.27
CA VAL A 315 -16.99 -9.53 7.60
C VAL A 315 -16.77 -10.59 8.67
N LEU A 316 -15.95 -10.25 9.69
CA LEU A 316 -15.61 -11.13 10.81
C LEU A 316 -16.82 -11.49 11.66
N GLN A 317 -17.68 -10.51 11.94
CA GLN A 317 -18.90 -10.68 12.75
C GLN A 317 -19.91 -11.56 12.04
N LEU A 318 -20.15 -11.32 10.73
CA LEU A 318 -21.08 -12.13 9.92
C LEU A 318 -20.60 -13.57 9.82
N LEU A 319 -19.28 -13.77 9.75
CA LEU A 319 -18.66 -15.08 9.68
C LEU A 319 -18.55 -15.80 11.00
N GLY A 320 -18.91 -15.12 12.11
CA GLY A 320 -18.85 -15.66 13.46
C GLY A 320 -17.43 -15.95 13.91
N LEU A 321 -16.47 -15.12 13.49
CA LEU A 321 -15.07 -15.29 13.85
C LEU A 321 -14.65 -14.32 14.95
N PRO A 322 -14.36 -14.79 16.18
CA PRO A 322 -13.95 -13.84 17.25
C PRO A 322 -12.64 -13.15 16.89
N TYR A 323 -12.54 -11.87 17.21
CA TYR A 323 -11.36 -11.08 16.91
C TYR A 323 -11.14 -10.02 17.98
N ARG A 324 -9.98 -9.35 17.94
CA ARG A 324 -9.64 -8.18 18.75
C ARG A 324 -9.29 -7.03 17.78
N LYS A 325 -9.61 -5.79 18.14
CA LYS A 325 -9.24 -4.62 17.32
C LYS A 325 -8.10 -3.92 18.05
N VAL A 326 -7.00 -3.68 17.34
CA VAL A 326 -5.77 -3.12 17.92
C VAL A 326 -5.36 -1.78 17.28
N ALA A 327 -5.10 -0.76 18.13
CA ALA A 327 -4.60 0.52 17.67
C ALA A 327 -3.08 0.37 17.62
N LEU A 328 -2.50 0.36 16.41
CA LEU A 328 -1.05 0.23 16.27
C LEU A 328 -0.33 1.47 16.82
N CYS A 329 0.76 1.23 17.61
CA CYS A 329 1.60 2.30 18.18
C CYS A 329 2.52 2.86 17.07
N THR A 330 3.20 4.00 17.36
CA THR A 330 4.13 4.68 16.43
C THR A 330 5.19 3.74 15.81
N GLY A 331 5.72 2.81 16.61
CA GLY A 331 6.76 1.87 16.19
C GLY A 331 6.36 0.61 15.47
N ASP A 332 5.06 0.40 15.22
CA ASP A 332 4.59 -0.82 14.54
C ASP A 332 3.74 -0.52 13.30
N MET A 333 3.79 0.72 12.84
CA MET A 333 3.03 1.17 11.68
C MET A 333 3.81 0.95 10.40
N GLY A 334 3.07 0.75 9.30
CA GLY A 334 3.62 0.65 7.96
C GLY A 334 4.08 2.01 7.48
N PHE A 335 4.98 2.03 6.50
CA PHE A 335 5.61 3.19 5.90
C PHE A 335 4.68 4.40 5.57
N SER A 336 3.59 4.18 4.82
CA SER A 336 2.68 5.26 4.39
C SER A 336 1.64 5.73 5.39
N ALA A 337 1.40 4.97 6.44
CA ALA A 337 0.34 5.24 7.38
C ALA A 337 0.63 6.35 8.43
N CYS A 338 -0.43 7.09 8.75
CA CYS A 338 -0.36 8.08 9.82
C CYS A 338 -1.11 7.57 11.05
N LYS A 339 -2.13 6.68 10.84
CA LYS A 339 -2.96 6.02 11.87
C LYS A 339 -3.43 4.65 11.34
N THR A 340 -3.37 3.58 12.17
CA THR A 340 -3.75 2.21 11.76
C THR A 340 -4.48 1.41 12.83
N TYR A 341 -5.50 0.64 12.41
CA TYR A 341 -6.20 -0.34 13.22
C TYR A 341 -5.96 -1.70 12.61
N ASP A 342 -5.50 -2.64 13.41
CA ASP A 342 -5.34 -4.02 12.95
C ASP A 342 -6.39 -4.87 13.59
N LEU A 343 -7.06 -5.71 12.79
CA LEU A 343 -8.01 -6.66 13.31
C LEU A 343 -7.24 -7.98 13.34
N GLU A 344 -7.28 -8.61 14.50
CA GLU A 344 -6.62 -9.87 14.74
C GLU A 344 -7.67 -10.89 15.06
N VAL A 345 -7.74 -11.95 14.23
CA VAL A 345 -8.70 -13.04 14.33
C VAL A 345 -8.20 -14.15 15.24
N TRP A 346 -9.11 -14.79 15.98
CA TRP A 346 -8.74 -15.89 16.84
C TRP A 346 -8.36 -17.11 16.00
N VAL A 347 -7.18 -17.68 16.30
CA VAL A 347 -6.62 -18.83 15.60
C VAL A 347 -6.46 -19.97 16.62
N PRO A 348 -7.47 -20.90 16.72
CA PRO A 348 -7.41 -21.99 17.70
C PRO A 348 -6.08 -22.79 17.85
N ALA A 349 -5.40 -23.18 16.73
CA ALA A 349 -4.16 -23.98 16.83
C ALA A 349 -2.96 -23.16 17.31
N GLN A 350 -3.02 -21.85 17.17
CA GLN A 350 -1.95 -20.96 17.62
C GLN A 350 -2.20 -20.40 19.02
N ASN A 351 -3.43 -20.60 19.57
CA ASN A 351 -3.93 -20.16 20.88
C ASN A 351 -3.77 -18.61 21.08
N THR A 352 -3.84 -17.85 19.97
CA THR A 352 -3.73 -16.39 19.97
C THR A 352 -4.56 -15.80 18.85
N TYR A 353 -4.57 -14.46 18.80
CA TYR A 353 -5.21 -13.70 17.74
C TYR A 353 -4.13 -13.36 16.69
N ARG A 354 -4.48 -13.50 15.40
CA ARG A 354 -3.55 -13.19 14.31
C ARG A 354 -4.13 -12.18 13.34
N GLU A 355 -3.30 -11.24 12.89
CA GLU A 355 -3.65 -10.17 11.96
C GLU A 355 -4.36 -10.72 10.72
N ILE A 356 -5.51 -10.12 10.38
CA ILE A 356 -6.37 -10.49 9.22
C ILE A 356 -6.72 -9.25 8.37
N SER A 357 -6.62 -8.07 8.97
CA SER A 357 -6.86 -6.77 8.34
C SER A 357 -6.01 -5.70 8.99
N SER A 358 -5.53 -4.76 8.18
CA SER A 358 -4.74 -3.62 8.61
C SER A 358 -5.31 -2.38 7.91
N CYS A 359 -6.17 -1.60 8.62
CA CYS A 359 -6.84 -0.42 8.06
C CYS A 359 -6.08 0.87 8.38
N SER A 360 -5.62 1.57 7.33
CA SER A 360 -4.83 2.80 7.49
C SER A 360 -5.36 4.04 6.85
N ASN A 361 -5.17 5.16 7.55
CA ASN A 361 -5.39 6.48 7.04
C ASN A 361 -3.97 6.91 6.64
N VAL A 362 -3.77 7.18 5.32
CA VAL A 362 -2.48 7.57 4.74
C VAL A 362 -2.29 9.11 4.73
N TRP A 363 -3.36 9.88 5.07
CA TRP A 363 -3.32 11.34 5.06
C TRP A 363 -3.02 11.77 3.60
N ASP A 364 -2.21 12.82 3.37
CA ASP A 364 -1.86 13.29 2.02
C ASP A 364 -0.51 12.70 1.50
N PHE A 365 0.07 11.72 2.19
CA PHE A 365 1.37 11.12 1.86
C PHE A 365 1.41 10.48 0.46
N GLN A 366 0.41 9.67 0.08
CA GLN A 366 0.40 9.11 -1.29
C GLN A 366 -0.12 10.13 -2.28
N ALA A 367 -1.16 10.89 -1.90
CA ALA A 367 -1.73 11.97 -2.72
C ALA A 367 -0.64 12.95 -3.24
N ARG A 368 0.36 13.28 -2.38
CA ARG A 368 1.48 14.16 -2.74
CA ARG A 368 1.48 14.17 -2.73
C ARG A 368 2.38 13.49 -3.78
N ARG A 369 2.66 12.19 -3.60
CA ARG A 369 3.49 11.45 -4.54
C ARG A 369 2.80 11.29 -5.89
N MET A 370 1.46 11.08 -5.87
CA MET A 370 0.63 10.83 -7.07
C MET A 370 0.13 12.11 -7.73
N GLN A 371 0.11 13.24 -7.00
CA GLN A 371 -0.46 14.50 -7.47
C GLN A 371 -2.00 14.32 -7.67
N ALA A 372 -2.62 13.72 -6.65
CA ALA A 372 -4.04 13.42 -6.56
C ALA A 372 -4.65 14.53 -5.74
N ARG A 373 -5.50 15.34 -6.38
CA ARG A 373 -6.10 16.46 -5.66
CA ARG A 373 -6.09 16.51 -5.73
C ARG A 373 -7.57 16.64 -5.95
N CYS A 374 -8.24 17.48 -5.12
CA CYS A 374 -9.66 17.76 -5.23
C CYS A 374 -9.91 19.24 -5.25
N ARG A 375 -11.07 19.66 -5.76
CA ARG A 375 -11.41 21.07 -5.88
C ARG A 375 -12.90 21.31 -5.70
N SER A 376 -13.27 22.26 -4.83
CA SER A 376 -14.67 22.65 -4.72
C SER A 376 -14.86 23.65 -5.88
N LYS A 377 -15.91 23.49 -6.72
CA LYS A 377 -16.13 24.39 -7.87
C LYS A 377 -16.36 25.83 -7.37
N SER A 378 -16.96 25.95 -6.14
CA SER A 378 -17.26 27.19 -5.39
C SER A 378 -16.04 28.10 -5.18
N ASP A 379 -14.81 27.51 -5.05
CA ASP A 379 -13.54 28.22 -4.83
C ASP A 379 -12.43 27.87 -5.86
N LYS A 380 -11.45 28.77 -5.96
CA LYS A 380 -10.29 28.68 -6.85
C LYS A 380 -9.14 27.90 -6.18
N LYS A 381 -9.49 26.92 -5.30
CA LYS A 381 -8.52 26.21 -4.47
C LYS A 381 -8.50 24.68 -4.58
N THR A 382 -7.39 24.14 -5.14
CA THR A 382 -7.19 22.70 -5.15
C THR A 382 -6.33 22.34 -3.91
N ARG A 383 -6.52 21.12 -3.41
CA ARG A 383 -5.78 20.61 -2.27
C ARG A 383 -5.64 19.10 -2.45
N LEU A 384 -4.61 18.52 -1.86
CA LEU A 384 -4.38 17.09 -1.95
C LEU A 384 -5.50 16.33 -1.27
N VAL A 385 -5.90 15.18 -1.86
CA VAL A 385 -6.93 14.34 -1.22
C VAL A 385 -6.24 13.53 -0.10
N HIS A 386 -7.03 12.83 0.70
CA HIS A 386 -6.53 11.84 1.65
C HIS A 386 -6.86 10.44 1.08
N THR A 387 -5.99 9.46 1.31
CA THR A 387 -6.20 8.08 0.85
C THR A 387 -6.16 7.18 2.04
N LEU A 388 -6.92 6.07 1.95
CA LEU A 388 -7.06 5.06 2.99
C LEU A 388 -7.13 3.74 2.31
N ASN A 389 -6.70 2.70 3.02
CA ASN A 389 -6.73 1.34 2.52
C ASN A 389 -6.79 0.38 3.68
N GLY A 390 -7.40 -0.76 3.43
CA GLY A 390 -7.52 -1.85 4.39
C GLY A 390 -8.18 -3.04 3.73
N SER A 391 -7.82 -4.22 4.20
CA SER A 391 -8.36 -5.49 3.69
C SER A 391 -9.65 -5.86 4.38
N GLY A 392 -10.61 -6.32 3.60
CA GLY A 392 -11.90 -6.76 4.10
C GLY A 392 -12.35 -8.06 3.48
N LEU A 393 -11.58 -9.20 3.60
CA LEU A 393 -10.31 -9.37 4.34
C LEU A 393 -9.20 -10.06 3.49
N ALA A 394 -8.09 -10.48 4.16
CA ALA A 394 -7.07 -11.35 3.56
C ALA A 394 -7.82 -12.70 3.49
N VAL A 395 -8.12 -13.21 2.27
CA VAL A 395 -8.94 -14.42 2.06
C VAL A 395 -8.29 -15.69 2.61
N GLY A 396 -7.00 -15.88 2.33
CA GLY A 396 -6.22 -17.03 2.82
C GLY A 396 -6.26 -17.14 4.33
N ARG A 397 -6.03 -16.01 5.05
CA ARG A 397 -6.09 -15.94 6.51
C ARG A 397 -7.51 -16.17 7.06
N THR A 398 -8.56 -15.76 6.30
CA THR A 398 -9.96 -16.00 6.66
C THR A 398 -10.27 -17.50 6.57
N LEU A 399 -9.76 -18.18 5.52
CA LEU A 399 -9.87 -19.62 5.31
C LEU A 399 -9.24 -20.37 6.50
N VAL A 400 -8.03 -19.96 6.95
CA VAL A 400 -7.35 -20.51 8.14
C VAL A 400 -8.27 -20.40 9.38
N ALA A 401 -8.74 -19.18 9.68
CA ALA A 401 -9.59 -18.89 10.85
C ALA A 401 -10.91 -19.63 10.78
N LEU A 402 -11.50 -19.74 9.58
CA LEU A 402 -12.76 -20.46 9.38
C LEU A 402 -12.57 -21.96 9.64
N MET A 403 -11.62 -22.60 8.94
CA MET A 403 -11.32 -24.04 9.09
C MET A 403 -11.08 -24.43 10.54
N GLU A 404 -10.26 -23.64 11.23
CA GLU A 404 -9.86 -23.93 12.60
C GLU A 404 -10.98 -23.68 13.63
N ASN A 405 -11.73 -22.57 13.51
CA ASN A 405 -12.82 -22.26 14.44
C ASN A 405 -14.08 -23.12 14.25
N TYR A 406 -14.30 -23.62 13.01
CA TYR A 406 -15.45 -24.43 12.61
C TYR A 406 -15.16 -25.93 12.41
N GLN A 407 -13.97 -26.42 12.80
CA GLN A 407 -13.64 -27.86 12.68
C GLN A 407 -14.49 -28.72 13.61
N GLN A 408 -14.89 -29.90 13.13
CA GLN A 408 -15.65 -30.86 13.91
C GLN A 408 -14.67 -31.93 14.37
N ALA A 409 -15.05 -32.69 15.42
CA ALA A 409 -14.25 -33.78 15.97
C ALA A 409 -13.62 -34.71 14.94
N ASP A 410 -14.32 -35.00 13.83
CA ASP A 410 -13.83 -35.89 12.77
C ASP A 410 -13.01 -35.17 11.68
N GLY A 411 -12.89 -33.85 11.80
CA GLY A 411 -12.15 -33.04 10.84
C GLY A 411 -13.03 -32.34 9.84
N ARG A 412 -14.37 -32.57 9.85
CA ARG A 412 -15.31 -31.89 8.96
C ARG A 412 -15.27 -30.41 9.25
N ILE A 413 -15.56 -29.59 8.25
CA ILE A 413 -15.61 -28.14 8.42
C ILE A 413 -17.07 -27.72 8.29
N GLU A 414 -17.61 -27.10 9.32
CA GLU A 414 -18.95 -26.54 9.30
C GLU A 414 -18.86 -25.24 8.47
N ILE A 415 -19.79 -25.08 7.54
CA ILE A 415 -19.82 -23.88 6.71
C ILE A 415 -20.56 -22.78 7.50
N PRO A 416 -19.92 -21.60 7.79
CA PRO A 416 -20.64 -20.53 8.51
C PRO A 416 -21.96 -20.23 7.82
N GLU A 417 -23.03 -20.07 8.60
CA GLU A 417 -24.38 -19.81 8.09
C GLU A 417 -24.44 -18.73 6.98
N VAL A 418 -23.67 -17.64 7.12
CA VAL A 418 -23.68 -16.53 6.14
C VAL A 418 -23.07 -16.95 4.76
N LEU A 419 -22.26 -18.05 4.73
CA LEU A 419 -21.61 -18.56 3.52
C LEU A 419 -22.38 -19.67 2.82
N ARG A 420 -23.32 -20.32 3.52
CA ARG A 420 -24.10 -21.42 2.94
C ARG A 420 -24.76 -21.00 1.60
N PRO A 421 -25.42 -19.82 1.45
CA PRO A 421 -25.93 -19.43 0.11
C PRO A 421 -24.89 -19.39 -1.02
N TYR A 422 -23.60 -19.19 -0.67
CA TYR A 422 -22.43 -19.16 -1.56
C TYR A 422 -21.90 -20.58 -1.85
N MET A 423 -22.43 -21.56 -1.09
CA MET A 423 -22.04 -22.97 -1.18
C MET A 423 -23.24 -23.86 -1.48
N ARG A 424 -24.28 -23.31 -2.16
CA ARG A 424 -25.52 -24.02 -2.52
C ARG A 424 -26.26 -24.61 -1.30
N GLY A 425 -26.18 -23.91 -0.16
CA GLY A 425 -26.78 -24.33 1.10
C GLY A 425 -26.04 -25.43 1.88
N LEU A 426 -24.88 -25.92 1.37
CA LEU A 426 -24.06 -26.97 1.98
C LEU A 426 -23.74 -26.58 3.41
N GLU A 427 -23.90 -27.52 4.36
CA GLU A 427 -23.73 -27.26 5.78
C GLU A 427 -22.33 -27.61 6.27
N TYR A 428 -21.74 -28.66 5.69
CA TYR A 428 -20.44 -29.18 6.08
C TYR A 428 -19.63 -29.55 4.87
N ILE A 429 -18.31 -29.45 4.97
CA ILE A 429 -17.40 -29.98 3.95
C ILE A 429 -16.97 -31.32 4.59
N GLY A 430 -17.26 -32.42 3.89
CA GLY A 430 -16.94 -33.76 4.37
C GLY A 430 -18.12 -34.53 5.01
C1 EDO B . -3.69 -18.68 -0.61
O1 EDO B . -2.88 -17.99 0.33
C2 EDO B . -4.68 -17.72 -1.34
O2 EDO B . -5.39 -16.90 -0.38
C1 EDO C . 9.26 1.45 -17.24
O1 EDO C . 9.96 0.24 -17.46
C2 EDO C . 7.92 1.15 -16.55
O2 EDO C . 8.10 0.87 -15.16
CA CA D . 1.10 -3.93 10.76
CA CA E . -0.24 1.62 4.44
CA CA F . -21.69 13.20 -4.93
#